data_8H43
#
_entry.id   8H43
#
_cell.length_a   42.718
_cell.length_b   42.718
_cell.length_c   401.905
_cell.angle_alpha   90.000
_cell.angle_beta   90.000
_cell.angle_gamma   120.000
#
_symmetry.space_group_name_H-M   'P 65 2 2'
#
loop_
_entity.id
_entity.type
_entity.pdbx_description
1 polymer 'PHD finger protein 1'
2 non-polymer 2-[(3S)-piperidin-3-yl]-1,3-benzoxazole
3 water water
#
_entity_poly.entity_id   1
_entity_poly.type   'polypeptide(L)'
_entity_poly.pdbx_seq_one_letter_code
;MRPRLWEGQDVLARWTDGLLYLGTIKKVDSAREVCLVQFEDDSQFLVLWKDISPAALPGEE
;
_entity_poly.pdbx_strand_id   A,B,C
#
# COMPACT_ATOMS: atom_id res chain seq x y z
N MET A 1 3.93 -15.04 7.89
CA MET A 1 3.39 -13.89 7.16
C MET A 1 2.13 -14.30 6.40
N ARG A 2 1.15 -13.40 6.34
CA ARG A 2 -0.17 -13.77 5.80
C ARG A 2 -0.10 -14.15 4.33
N PRO A 3 0.41 -13.30 3.40
CA PRO A 3 0.71 -13.81 2.06
C PRO A 3 2.18 -14.21 1.92
N ARG A 4 2.43 -15.39 1.36
CA ARG A 4 3.79 -15.86 1.18
C ARG A 4 4.46 -15.08 0.05
N LEU A 5 5.60 -14.47 0.35
CA LEU A 5 6.34 -13.66 -0.59
C LEU A 5 7.75 -14.21 -0.76
N TRP A 6 8.36 -13.91 -1.90
CA TRP A 6 9.69 -14.40 -2.20
C TRP A 6 10.31 -13.56 -3.31
N GLU A 7 11.64 -13.62 -3.40
CA GLU A 7 12.38 -12.86 -4.38
C GLU A 7 12.00 -13.28 -5.80
N GLY A 8 11.83 -12.29 -6.67
CA GLY A 8 11.47 -12.55 -8.05
C GLY A 8 9.99 -12.79 -8.29
N GLN A 9 9.18 -12.83 -7.24
CA GLN A 9 7.75 -13.01 -7.39
C GLN A 9 7.12 -11.75 -7.97
N ASP A 10 6.16 -11.94 -8.87
CA ASP A 10 5.39 -10.84 -9.42
C ASP A 10 4.24 -10.51 -8.48
N VAL A 11 4.12 -9.23 -8.11
CA VAL A 11 3.19 -8.82 -7.07
C VAL A 11 2.39 -7.61 -7.54
N LEU A 12 1.23 -7.44 -6.90
CA LEU A 12 0.43 -6.22 -7.04
C LEU A 12 0.46 -5.49 -5.71
N ALA A 13 0.94 -4.25 -5.74
CA ALA A 13 1.14 -3.44 -4.54
C ALA A 13 0.21 -2.25 -4.57
N ARG A 14 -0.54 -2.04 -3.49
CA ARG A 14 -1.46 -0.92 -3.38
C ARG A 14 -0.68 0.35 -3.03
N TRP A 15 -0.82 1.37 -3.85
CA TRP A 15 -0.12 2.63 -3.65
C TRP A 15 -1.02 3.60 -2.88
N THR A 16 -0.52 4.81 -2.65
CA THR A 16 -1.26 5.81 -1.89
C THR A 16 -2.49 6.34 -2.64
N ASP A 17 -2.54 6.16 -3.96
CA ASP A 17 -3.71 6.55 -4.72
C ASP A 17 -4.82 5.51 -4.67
N GLY A 18 -4.60 4.40 -3.95
CA GLY A 18 -5.60 3.35 -3.86
C GLY A 18 -5.59 2.35 -5.00
N LEU A 19 -4.61 2.43 -5.89
CA LEU A 19 -4.56 1.55 -7.05
C LEU A 19 -3.47 0.49 -6.88
N LEU A 20 -3.60 -0.59 -7.64
CA LEU A 20 -2.66 -1.69 -7.62
C LEU A 20 -1.68 -1.52 -8.77
N TYR A 21 -0.39 -1.49 -8.45
CA TYR A 21 0.67 -1.35 -9.44
C TYR A 21 1.49 -2.64 -9.48
N LEU A 22 1.75 -3.13 -10.68
CA LEU A 22 2.50 -4.37 -10.85
C LEU A 22 3.98 -4.12 -10.61
N GLY A 23 4.63 -5.09 -9.98
CA GLY A 23 6.04 -4.98 -9.66
C GLY A 23 6.61 -6.34 -9.36
N THR A 24 7.92 -6.36 -9.06
CA THR A 24 8.63 -7.58 -8.75
C THR A 24 9.38 -7.43 -7.44
N ILE A 25 9.31 -8.45 -6.59
CA ILE A 25 9.95 -8.44 -5.29
C ILE A 25 11.45 -8.65 -5.49
N LYS A 26 12.27 -7.70 -5.02
CA LYS A 26 13.71 -7.81 -5.11
C LYS A 26 14.37 -8.22 -3.79
N LYS A 27 13.68 -8.07 -2.67
CA LYS A 27 14.17 -8.51 -1.37
C LYS A 27 12.99 -8.64 -0.42
N VAL A 28 13.15 -9.49 0.58
CA VAL A 28 12.11 -9.76 1.57
C VAL A 28 12.68 -9.46 2.95
N ASP A 29 11.89 -8.73 3.76
CA ASP A 29 12.25 -8.41 5.15
C ASP A 29 11.10 -8.85 6.04
N SER A 30 11.13 -10.11 6.46
CA SER A 30 10.07 -10.64 7.31
C SER A 30 10.10 -10.03 8.71
N ALA A 31 11.20 -9.41 9.11
CA ALA A 31 11.27 -8.79 10.44
C ALA A 31 10.57 -7.44 10.46
N ARG A 32 10.91 -6.56 9.51
CA ARG A 32 10.23 -5.27 9.41
C ARG A 32 8.96 -5.36 8.58
N GLU A 33 8.63 -6.55 8.04
CA GLU A 33 7.41 -6.80 7.30
C GLU A 33 7.27 -5.86 6.11
N VAL A 34 8.38 -5.64 5.41
CA VAL A 34 8.40 -4.90 4.16
C VAL A 34 9.21 -5.69 3.15
N CYS A 35 9.06 -5.32 1.88
CA CYS A 35 9.83 -5.88 0.78
C CYS A 35 10.25 -4.77 -0.17
N LEU A 36 11.47 -4.89 -0.70
CA LEU A 36 11.90 -4.05 -1.80
C LEU A 36 11.17 -4.50 -3.07
N VAL A 37 10.46 -3.58 -3.72
CA VAL A 37 9.70 -3.89 -4.92
C VAL A 37 10.16 -2.97 -6.03
N GLN A 38 10.42 -3.55 -7.20
CA GLN A 38 10.74 -2.79 -8.41
C GLN A 38 9.55 -2.83 -9.36
N PHE A 39 9.10 -1.66 -9.79
CA PHE A 39 7.85 -1.54 -10.53
C PHE A 39 8.13 -1.42 -12.03
N GLU A 40 7.05 -1.24 -12.80
CA GLU A 40 7.14 -1.28 -14.26
C GLU A 40 8.06 -0.20 -14.81
N ASP A 41 8.17 0.93 -14.11
CA ASP A 41 9.10 1.98 -14.50
C ASP A 41 10.51 1.73 -13.99
N ASP A 42 10.79 0.52 -13.50
CA ASP A 42 12.07 0.10 -12.92
C ASP A 42 12.39 0.85 -11.64
N SER A 43 11.46 1.61 -11.08
CA SER A 43 11.66 2.28 -9.81
C SER A 43 11.49 1.28 -8.67
N GLN A 44 12.23 1.50 -7.58
CA GLN A 44 12.22 0.59 -6.45
C GLN A 44 11.81 1.32 -5.19
N PHE A 45 10.99 0.67 -4.36
CA PHE A 45 10.54 1.24 -3.10
C PHE A 45 10.35 0.12 -2.08
N LEU A 46 10.48 0.48 -0.81
CA LEU A 46 10.10 -0.42 0.28
C LEU A 46 8.58 -0.34 0.45
N VAL A 47 7.92 -1.49 0.37
CA VAL A 47 6.47 -1.56 0.44
C VAL A 47 6.09 -2.39 1.66
N LEU A 48 5.12 -1.89 2.44
CA LEU A 48 4.61 -2.64 3.57
C LEU A 48 3.96 -3.95 3.09
N TRP A 49 4.20 -5.01 3.85
CA TRP A 49 3.61 -6.32 3.54
C TRP A 49 2.11 -6.22 3.32
N LYS A 50 1.42 -5.46 4.18
CA LYS A 50 -0.03 -5.38 4.12
C LYS A 50 -0.54 -4.81 2.81
N ASP A 51 0.31 -4.10 2.06
CA ASP A 51 -0.08 -3.52 0.78
C ASP A 51 0.30 -4.39 -0.41
N ILE A 52 0.76 -5.61 -0.16
CA ILE A 52 1.28 -6.49 -1.21
C ILE A 52 0.37 -7.69 -1.36
N SER A 53 0.23 -8.15 -2.59
CA SER A 53 -0.46 -9.39 -2.92
C SER A 53 0.20 -10.00 -4.14
N PRO A 54 0.15 -11.32 -4.27
CA PRO A 54 0.61 -11.94 -5.53
C PRO A 54 -0.18 -11.41 -6.70
N ALA A 55 0.52 -11.15 -7.81
CA ALA A 55 -0.18 -10.80 -9.05
C ALA A 55 -0.99 -11.96 -9.59
N ALA A 56 -0.70 -13.18 -9.15
CA ALA A 56 -1.50 -14.35 -9.47
C ALA A 56 -2.76 -14.32 -8.62
N LEU A 57 -3.91 -14.14 -9.25
CA LEU A 57 -5.13 -14.00 -8.50
C LEU A 57 -5.77 -15.37 -8.25
N PRO A 58 -6.28 -15.63 -7.05
CA PRO A 58 -6.89 -16.93 -6.75
C PRO A 58 -8.07 -17.20 -7.67
N GLY A 59 -8.19 -18.45 -8.08
CA GLY A 59 -9.13 -18.80 -9.13
C GLY A 59 -8.67 -18.44 -10.52
N GLU A 60 -7.50 -17.84 -10.66
CA GLU A 60 -6.91 -17.45 -11.93
C GLU A 60 -7.79 -16.47 -12.69
N ARG B 2 14.28 6.04 17.27
CA ARG B 2 12.96 6.49 16.84
C ARG B 2 12.72 7.95 17.21
N PRO B 3 12.91 8.85 16.25
CA PRO B 3 12.70 10.28 16.52
C PRO B 3 11.23 10.60 16.68
N ARG B 4 10.97 11.79 17.26
CA ARG B 4 9.62 12.24 17.51
C ARG B 4 9.08 12.92 16.24
N LEU B 5 8.10 12.27 15.61
CA LEU B 5 7.55 12.73 14.34
C LEU B 5 6.13 13.26 14.55
N TRP B 6 5.74 14.22 13.70
CA TRP B 6 4.43 14.83 13.80
C TRP B 6 4.03 15.39 12.44
N GLU B 7 2.73 15.61 12.28
CA GLU B 7 2.18 16.07 11.01
C GLU B 7 2.70 17.46 10.65
N GLY B 8 3.04 17.64 9.38
CA GLY B 8 3.58 18.89 8.90
C GLY B 8 5.06 19.06 9.10
N GLN B 9 5.70 18.20 9.88
CA GLN B 9 7.14 18.29 10.08
C GLN B 9 7.87 18.04 8.77
N ASP B 10 8.80 18.93 8.45
CA ASP B 10 9.70 18.69 7.33
C ASP B 10 10.71 17.62 7.72
N VAL B 11 10.84 16.59 6.89
CA VAL B 11 11.79 15.50 7.12
C VAL B 11 12.57 15.24 5.85
N LEU B 12 13.73 14.61 6.01
CA LEU B 12 14.47 14.04 4.90
C LEU B 12 14.37 12.53 4.99
N ALA B 13 14.04 11.89 3.88
CA ALA B 13 13.88 10.44 3.82
C ALA B 13 14.96 9.85 2.92
N ARG B 14 15.45 8.68 3.31
CA ARG B 14 16.45 7.96 2.53
C ARG B 14 15.77 6.96 1.62
N TRP B 15 16.01 7.10 0.31
CA TRP B 15 15.34 6.30 -0.70
C TRP B 15 16.20 5.08 -1.04
N THR B 16 15.73 4.30 -2.02
CA THR B 16 16.39 3.07 -2.46
C THR B 16 17.70 3.33 -3.19
N ASP B 17 17.95 4.56 -3.63
CA ASP B 17 19.19 4.94 -4.28
C ASP B 17 20.27 5.37 -3.29
N GLY B 18 19.97 5.34 -2.00
CA GLY B 18 20.92 5.80 -1.00
C GLY B 18 21.02 7.29 -0.83
N LEU B 19 20.08 8.05 -1.37
CA LEU B 19 20.08 9.50 -1.26
C LEU B 19 18.94 9.99 -0.38
N LEU B 20 19.03 11.23 0.04
CA LEU B 20 18.06 11.85 0.95
C LEU B 20 17.18 12.82 0.18
N TYR B 21 15.86 12.70 0.37
CA TYR B 21 14.89 13.49 -0.37
C TYR B 21 14.00 14.27 0.60
N LEU B 22 13.75 15.53 0.27
CA LEU B 22 12.93 16.39 1.11
C LEU B 22 11.47 15.99 1.02
N GLY B 23 10.79 15.99 2.18
CA GLY B 23 9.39 15.63 2.23
C GLY B 23 8.72 16.27 3.43
N THR B 24 7.40 16.11 3.49
CA THR B 24 6.58 16.69 4.56
C THR B 24 5.65 15.62 5.10
N ILE B 25 5.64 15.46 6.43
CA ILE B 25 4.84 14.42 7.05
C ILE B 25 3.36 14.81 6.98
N LYS B 26 2.55 13.93 6.39
CA LYS B 26 1.11 14.12 6.31
C LYS B 26 0.33 13.18 7.21
N LYS B 27 0.96 12.12 7.72
CA LYS B 27 0.30 11.18 8.62
C LYS B 27 1.36 10.43 9.40
N VAL B 28 1.00 10.02 10.62
CA VAL B 28 1.91 9.29 11.49
C VAL B 28 1.19 8.05 12.00
N ASP B 29 1.74 6.87 11.68
CA ASP B 29 1.26 5.60 12.21
C ASP B 29 2.43 4.91 12.91
N SER B 30 2.47 5.07 14.24
CA SER B 30 3.51 4.52 15.10
C SER B 30 3.17 3.11 15.57
N ALA B 31 1.90 2.72 15.52
CA ALA B 31 1.54 1.31 15.66
C ALA B 31 2.22 0.47 14.59
N ARG B 32 2.32 1.01 13.37
CA ARG B 32 3.03 0.37 12.27
C ARG B 32 4.37 1.02 11.99
N GLU B 33 4.75 2.05 12.75
CA GLU B 33 6.03 2.74 12.60
C GLU B 33 6.28 3.14 11.15
N VAL B 34 5.32 3.90 10.62
CA VAL B 34 5.34 4.37 9.24
C VAL B 34 4.80 5.80 9.23
N CYS B 35 5.05 6.49 8.12
CA CYS B 35 4.51 7.83 7.92
C CYS B 35 4.27 8.05 6.44
N LEU B 36 3.16 8.71 6.13
CA LEU B 36 2.88 9.17 4.78
C LEU B 36 3.50 10.55 4.60
N VAL B 37 4.37 10.68 3.61
CA VAL B 37 5.06 11.94 3.36
C VAL B 37 4.89 12.34 1.90
N GLN B 38 4.75 13.64 1.67
CA GLN B 38 4.71 14.19 0.32
C GLN B 38 6.07 14.80 -0.01
N PHE B 39 6.61 14.43 -1.17
CA PHE B 39 7.96 14.82 -1.53
C PHE B 39 7.95 16.09 -2.38
N GLU B 40 9.10 16.41 -2.98
CA GLU B 40 9.26 17.67 -3.70
C GLU B 40 8.41 17.71 -4.96
N ASP B 41 8.13 16.55 -5.57
CA ASP B 41 7.34 16.46 -6.78
C ASP B 41 5.86 16.18 -6.50
N ASP B 42 5.40 16.45 -5.28
CA ASP B 42 4.04 16.21 -4.79
C ASP B 42 3.71 14.74 -4.66
N SER B 43 4.64 13.83 -4.95
CA SER B 43 4.37 12.40 -4.81
C SER B 43 4.32 12.03 -3.32
N GLN B 44 3.44 11.08 -3.01
CA GLN B 44 3.24 10.61 -1.64
C GLN B 44 3.56 9.13 -1.53
N PHE B 45 4.25 8.76 -0.46
CA PHE B 45 4.62 7.38 -0.23
C PHE B 45 4.54 7.06 1.25
N LEU B 46 4.33 5.78 1.56
CA LEU B 46 4.49 5.28 2.91
C LEU B 46 5.97 5.05 3.17
N VAL B 47 6.49 5.67 4.23
CA VAL B 47 7.92 5.65 4.53
C VAL B 47 8.12 5.10 5.93
N LEU B 48 8.99 4.10 6.04
CA LEU B 48 9.31 3.53 7.34
C LEU B 48 10.02 4.54 8.21
N TRP B 49 9.79 4.44 9.52
CA TRP B 49 10.44 5.32 10.47
C TRP B 49 11.96 5.28 10.35
N LYS B 50 12.51 4.11 10.08
CA LYS B 50 13.97 3.95 10.05
C LYS B 50 14.62 4.80 8.96
N ASP B 51 13.86 5.18 7.93
CA ASP B 51 14.39 6.01 6.85
C ASP B 51 14.07 7.49 7.02
N ILE B 52 13.55 7.89 8.18
CA ILE B 52 13.07 9.26 8.41
C ILE B 52 13.95 9.93 9.46
N SER B 53 14.19 11.22 9.28
CA SER B 53 14.83 12.08 10.26
C SER B 53 14.36 13.50 10.00
N PRO B 54 14.28 14.34 11.03
CA PRO B 54 13.76 15.69 10.83
C PRO B 54 14.62 16.51 9.88
N ALA B 55 13.99 17.48 9.21
CA ALA B 55 14.73 18.37 8.32
C ALA B 55 15.57 19.39 9.08
N ALA B 56 15.41 19.47 10.39
CA ALA B 56 16.27 20.35 11.19
C ALA B 56 17.55 19.62 11.57
N LEU B 57 18.59 20.40 11.83
CA LEU B 57 19.94 19.87 12.08
C LEU B 57 20.40 19.05 10.88
N PRO C 3 -15.73 8.64 -2.72
CA PRO C 3 -14.72 9.38 -3.48
C PRO C 3 -14.42 8.71 -4.82
N ARG C 4 -13.52 7.72 -4.82
CA ARG C 4 -13.18 6.96 -6.01
C ARG C 4 -13.77 5.56 -6.00
N LEU C 5 -14.80 5.33 -5.18
CA LEU C 5 -15.54 4.08 -5.16
C LEU C 5 -17.02 4.37 -5.36
N TRP C 6 -17.70 3.48 -6.06
CA TRP C 6 -19.12 3.69 -6.34
C TRP C 6 -19.80 2.35 -6.54
N GLU C 7 -21.13 2.37 -6.46
CA GLU C 7 -21.92 1.16 -6.62
C GLU C 7 -21.81 0.63 -8.05
N GLY C 8 -21.70 -0.69 -8.17
CA GLY C 8 -21.53 -1.33 -9.46
C GLY C 8 -20.11 -1.42 -9.96
N GLN C 9 -19.15 -0.94 -9.17
CA GLN C 9 -17.76 -0.89 -9.61
C GLN C 9 -17.06 -2.22 -9.34
N ASP C 10 -16.43 -2.78 -10.37
CA ASP C 10 -15.62 -3.98 -10.21
C ASP C 10 -14.35 -3.63 -9.43
N VAL C 11 -14.12 -4.33 -8.33
CA VAL C 11 -12.99 -4.05 -7.46
C VAL C 11 -12.23 -5.33 -7.17
N LEU C 12 -11.02 -5.16 -6.64
CA LEU C 12 -10.23 -6.25 -6.07
C LEU C 12 -10.03 -5.96 -4.60
N ALA C 13 -10.38 -6.92 -3.75
CA ALA C 13 -10.29 -6.75 -2.30
C ALA C 13 -9.27 -7.73 -1.74
N ARG C 14 -8.36 -7.22 -0.90
CA ARG C 14 -7.35 -8.05 -0.27
C ARG C 14 -7.92 -8.67 1.00
N TRP C 15 -7.99 -10.00 1.03
CA TRP C 15 -8.59 -10.74 2.12
C TRP C 15 -7.55 -10.97 3.22
N THR C 16 -7.92 -11.75 4.24
CA THR C 16 -7.03 -12.03 5.35
C THR C 16 -5.87 -12.94 4.96
N ASP C 17 -5.97 -13.63 3.83
CA ASP C 17 -4.87 -14.44 3.32
C ASP C 17 -3.87 -13.63 2.52
N GLY C 18 -4.10 -12.33 2.33
CA GLY C 18 -3.23 -11.50 1.52
C GLY C 18 -3.45 -11.62 0.03
N LEU C 19 -4.44 -12.37 -0.42
CA LEU C 19 -4.74 -12.49 -1.84
C LEU C 19 -5.88 -11.58 -2.24
N LEU C 20 -5.94 -11.26 -3.52
CA LEU C 20 -6.92 -10.32 -4.07
C LEU C 20 -8.06 -11.08 -4.73
N TYR C 21 -9.28 -10.78 -4.31
CA TYR C 21 -10.47 -11.44 -4.85
C TYR C 21 -11.35 -10.43 -5.57
N LEU C 22 -11.85 -10.82 -6.73
CA LEU C 22 -12.66 -9.92 -7.54
C LEU C 22 -14.09 -9.88 -7.03
N GLY C 23 -14.67 -8.67 -7.04
CA GLY C 23 -16.05 -8.50 -6.62
C GLY C 23 -16.61 -7.21 -7.15
N THR C 24 -17.86 -6.93 -6.79
CA THR C 24 -18.55 -5.72 -7.19
C THR C 24 -19.03 -4.97 -5.95
N ILE C 25 -18.83 -3.65 -5.95
CA ILE C 25 -19.25 -2.84 -4.81
C ILE C 25 -20.76 -2.71 -4.81
N LYS C 26 -21.39 -3.02 -3.67
CA LYS C 26 -22.83 -2.91 -3.50
C LYS C 26 -23.24 -1.67 -2.72
N LYS C 27 -22.45 -1.28 -1.73
CA LYS C 27 -22.76 -0.10 -0.92
C LYS C 27 -21.45 0.57 -0.53
N VAL C 28 -21.50 1.88 -0.34
CA VAL C 28 -20.35 2.68 0.04
C VAL C 28 -20.68 3.42 1.33
N ASP C 29 -20.03 3.02 2.42
CA ASP C 29 -20.14 3.71 3.69
C ASP C 29 -19.09 4.82 3.72
N SER C 30 -19.54 6.07 3.78
CA SER C 30 -18.60 7.17 3.92
C SER C 30 -18.25 7.42 5.38
N ALA C 31 -19.17 7.13 6.30
CA ALA C 31 -18.89 7.29 7.72
C ALA C 31 -17.78 6.35 8.17
N ARG C 32 -18.04 5.04 8.10
CA ARG C 32 -16.97 4.05 8.25
C ARG C 32 -16.35 3.81 6.88
N GLU C 33 -15.03 3.97 6.79
CA GLU C 33 -14.33 3.78 5.51
C GLU C 33 -14.36 2.29 5.15
N VAL C 34 -15.53 1.86 4.66
CA VAL C 34 -15.77 0.45 4.36
C VAL C 34 -16.84 0.38 3.27
N CYS C 35 -16.80 -0.69 2.48
CA CYS C 35 -17.82 -0.95 1.48
C CYS C 35 -18.32 -2.38 1.57
N LEU C 36 -19.57 -2.59 1.17
CA LEU C 36 -20.10 -3.93 0.96
C LEU C 36 -19.77 -4.37 -0.45
N VAL C 37 -19.21 -5.58 -0.57
CA VAL C 37 -18.74 -6.10 -1.85
C VAL C 37 -19.36 -7.47 -2.07
N GLN C 38 -19.83 -7.71 -3.29
CA GLN C 38 -20.32 -9.02 -3.71
C GLN C 38 -19.25 -9.70 -4.57
N PHE C 39 -18.82 -10.89 -4.14
CA PHE C 39 -17.71 -11.56 -4.79
C PHE C 39 -18.23 -12.55 -5.83
N GLU C 40 -17.29 -13.20 -6.52
CA GLU C 40 -17.65 -14.02 -7.69
C GLU C 40 -18.60 -15.15 -7.34
N ASP C 41 -18.48 -15.69 -6.12
CA ASP C 41 -19.38 -16.74 -5.67
C ASP C 41 -20.70 -16.21 -5.10
N ASP C 42 -21.00 -14.93 -5.34
CA ASP C 42 -22.24 -14.28 -4.93
C ASP C 42 -22.36 -14.14 -3.41
N SER C 43 -21.25 -14.19 -2.68
CA SER C 43 -21.26 -13.85 -1.27
C SER C 43 -20.96 -12.37 -1.09
N GLN C 44 -21.48 -11.80 -0.01
CA GLN C 44 -21.34 -10.37 0.24
C GLN C 44 -20.59 -10.16 1.55
N PHE C 45 -19.59 -9.27 1.51
CA PHE C 45 -18.74 -9.03 2.66
C PHE C 45 -18.33 -7.56 2.71
N LEU C 46 -17.95 -7.11 3.91
CA LEU C 46 -17.48 -5.76 4.11
C LEU C 46 -15.96 -5.71 4.00
N VAL C 47 -15.46 -4.65 3.36
CA VAL C 47 -14.03 -4.47 3.12
C VAL C 47 -13.63 -3.05 3.49
N LEU C 48 -12.53 -2.91 4.23
CA LEU C 48 -11.97 -1.59 4.47
C LEU C 48 -11.52 -0.97 3.16
N TRP C 49 -11.76 0.34 3.03
CA TRP C 49 -11.32 1.07 1.84
C TRP C 49 -9.85 0.83 1.54
N LYS C 50 -9.03 0.68 2.58
CA LYS C 50 -7.60 0.42 2.42
C LYS C 50 -7.30 -0.93 1.79
N ASP C 51 -8.29 -1.82 1.72
CA ASP C 51 -8.11 -3.12 1.08
C ASP C 51 -8.83 -3.20 -0.27
N ILE C 52 -9.54 -2.15 -0.68
CA ILE C 52 -10.27 -2.13 -1.94
C ILE C 52 -9.43 -1.37 -2.98
N SER C 53 -9.36 -1.93 -4.18
CA SER C 53 -8.78 -1.25 -5.33
C SER C 53 -9.62 -1.60 -6.56
N PRO C 54 -9.76 -0.67 -7.50
CA PRO C 54 -10.51 -0.98 -8.71
C PRO C 54 -9.88 -2.15 -9.48
N ALA C 55 -10.73 -2.90 -10.16
CA ALA C 55 -10.24 -4.07 -10.90
C ALA C 55 -9.41 -3.65 -12.11
N ALA C 56 -9.64 -2.46 -12.64
CA ALA C 56 -8.88 -2.01 -13.80
C ALA C 56 -7.46 -1.66 -13.40
N LEU C 57 -6.51 -2.00 -14.28
CA LEU C 57 -5.08 -1.80 -14.03
C LEU C 57 -4.65 -2.52 -12.75
#